data_2BHU
#
_entry.id   2BHU
#
_cell.length_a   59.580
_cell.length_b   66.620
_cell.length_c   152.510
_cell.angle_alpha   90.00
_cell.angle_beta   90.00
_cell.angle_gamma   90.00
#
_symmetry.space_group_name_H-M   'P 21 21 21'
#
loop_
_entity.id
_entity.type
_entity.pdbx_description
1 polymer 'MALTOOLIGOSYLTREHALOSE TREHALOHYDROLASE'
2 non-polymer 2-AMINO-2-HYDROXYMETHYL-PROPANE-1,3-DIOL
3 non-polymer 'TRIETHYLENE GLYCOL'
4 non-polymer 'MAGNESIUM ION'
5 water water
#
_entity_poly.entity_id   1
_entity_poly.type   'polypeptide(L)'
_entity_poly.pdbx_seq_one_letter_code
;MTQTQPVTPTPPASFQTQHDPRTRLGATPLPGGAGTRFRLWTSTARTVAVRVNGTEHVMTSLGGGIYELELPVGPGARYL
FVLDGVPTPDPYARFLPDGVHGEAEVVDFGTFDWTDADWHGIKLADCVFYEVHVGTFTPEGTYRAAAEKLPYLKELGVTA
IQVMPLAAFDGQRGWGYDGAAFYAPYAPYGRPEDLMALVDAAHRLGLGVFLDVVYNHFGPSGNYLSSYAPSYFTDRFSSA
WGMGLDYAEPHMRRYVTGNARMWLRDYHFDGLRLDATPYMTDDSETHILTELAQEIHELGGTHLLLAEDHRNLPDLVTVN
HLDGIWTDDFHHETRVTLTGEQEGYYAGYRGGAEALAYTIRRGWRYEGQFWAVKGEEHERGHPSDALEAPNFVYCIQNHD
QIGNRPLGERLHQSDGVTLHEYRGAAALLLTLPMTPLLFQGQEWAASTPFQFFSDHAGELGQAVSEGRKKEFGGFSGFSG
EDVPDPQAEQTFLNSKLNWAEREGGEHARTLRLYRDLLRLRREDPVLHNRQRENLTTGHDGDVLWVRTVTGAGERVLLWN
LGQDTRAVAEVKLPFTVPRRLLLHTEGREDLTLGAGEAVLVG
;
_entity_poly.pdbx_strand_id   A
#
# COMPACT_ATOMS: atom_id res chain seq x y z
N SER A 14 -27.62 -12.39 1.61
CA SER A 14 -27.77 -13.45 0.58
C SER A 14 -26.44 -13.95 -0.01
N PHE A 15 -25.38 -13.14 -0.17
CA PHE A 15 -24.06 -13.78 -0.44
C PHE A 15 -23.75 -14.57 0.80
N GLN A 16 -23.26 -15.80 0.59
CA GLN A 16 -22.82 -16.58 1.73
C GLN A 16 -21.33 -16.83 1.61
N THR A 17 -20.63 -16.61 2.71
CA THR A 17 -19.19 -16.87 2.70
C THR A 17 -18.93 -18.33 2.35
N GLN A 18 -17.81 -18.56 1.66
CA GLN A 18 -17.35 -19.91 1.44
C GLN A 18 -16.59 -20.51 2.62
N HIS A 19 -16.35 -19.73 3.65
CA HIS A 19 -15.50 -20.11 4.75
C HIS A 19 -16.28 -20.48 5.99
N ASP A 20 -15.91 -21.60 6.63
CA ASP A 20 -16.50 -22.02 7.88
C ASP A 20 -15.29 -22.45 8.72
N PRO A 21 -15.19 -21.95 9.93
CA PRO A 21 -14.08 -22.36 10.78
C PRO A 21 -13.93 -23.86 10.95
N ARG A 22 -15.08 -24.58 10.94
N ARG A 22 -15.05 -24.59 10.92
CA ARG A 22 -15.09 -26.05 10.99
CA ARG A 22 -14.92 -26.06 11.11
C ARG A 22 -14.24 -26.78 9.96
C ARG A 22 -14.25 -26.78 9.96
N THR A 23 -14.13 -26.15 8.80
CA THR A 23 -13.44 -26.76 7.66
C THR A 23 -12.19 -25.93 7.20
N ARG A 24 -11.74 -25.04 8.08
CA ARG A 24 -10.64 -24.16 7.76
C ARG A 24 -9.38 -24.99 7.53
N LEU A 25 -8.67 -24.73 6.44
CA LEU A 25 -7.39 -25.39 6.18
C LEU A 25 -6.32 -24.81 7.11
N GLY A 26 -5.37 -25.65 7.44
CA GLY A 26 -4.26 -25.33 8.35
C GLY A 26 -4.51 -25.96 9.71
N ALA A 27 -4.08 -25.29 10.75
CA ALA A 27 -4.20 -25.72 12.15
C ALA A 27 -5.07 -24.72 12.87
N THR A 28 -6.18 -25.20 13.43
CA THR A 28 -7.11 -24.31 14.10
C THR A 28 -7.47 -24.89 15.46
N PRO A 29 -7.27 -24.17 16.57
CA PRO A 29 -7.73 -24.66 17.90
C PRO A 29 -9.19 -25.03 17.88
N LEU A 30 -9.46 -26.13 18.60
CA LEU A 30 -10.78 -26.65 18.79
C LEU A 30 -11.43 -26.02 20.02
N PRO A 31 -12.76 -25.99 20.06
CA PRO A 31 -13.44 -25.50 21.25
C PRO A 31 -13.30 -26.48 22.41
N GLY A 32 -13.59 -25.99 23.60
CA GLY A 32 -13.58 -26.78 24.79
C GLY A 32 -12.25 -27.33 25.20
N GLY A 33 -11.18 -26.69 24.76
CA GLY A 33 -9.86 -27.13 25.07
C GLY A 33 -9.52 -28.52 24.52
N ALA A 34 -10.18 -28.95 23.43
CA ALA A 34 -9.95 -30.28 22.89
C ALA A 34 -8.69 -30.40 22.07
N GLY A 35 -8.05 -29.28 21.76
CA GLY A 35 -6.81 -29.30 21.03
C GLY A 35 -6.85 -28.54 19.71
N THR A 36 -6.38 -29.17 18.65
CA THR A 36 -6.21 -28.53 17.35
C THR A 36 -6.70 -29.45 16.27
N ARG A 37 -7.39 -28.87 15.30
CA ARG A 37 -7.80 -29.55 14.10
C ARG A 37 -6.85 -29.17 12.97
N PHE A 38 -6.22 -30.14 12.34
CA PHE A 38 -5.33 -29.96 11.22
C PHE A 38 -6.10 -30.39 9.95
N ARG A 39 -6.04 -29.59 8.90
CA ARG A 39 -6.68 -29.91 7.66
C ARG A 39 -5.80 -29.46 6.51
N LEU A 40 -5.87 -30.19 5.42
CA LEU A 40 -5.18 -29.84 4.19
C LEU A 40 -5.98 -30.37 3.01
N TRP A 41 -5.66 -29.85 1.83
CA TRP A 41 -6.13 -30.36 0.57
C TRP A 41 -4.93 -30.75 -0.27
N THR A 42 -4.97 -31.97 -0.78
CA THR A 42 -3.99 -32.42 -1.74
C THR A 42 -4.65 -33.20 -2.83
N SER A 43 -4.22 -32.94 -4.06
CA SER A 43 -4.73 -33.61 -5.23
C SER A 43 -3.94 -34.79 -5.66
N THR A 44 -2.72 -34.90 -5.15
CA THR A 44 -1.78 -35.87 -5.63
C THR A 44 -1.12 -36.79 -4.60
N ALA A 45 -1.12 -36.46 -3.33
CA ALA A 45 -0.38 -37.29 -2.38
C ALA A 45 -1.10 -38.60 -2.17
N ARG A 46 -0.32 -39.67 -1.98
CA ARG A 46 -0.84 -40.99 -1.68
C ARG A 46 -0.76 -41.28 -0.15
N THR A 47 0.21 -40.73 0.57
CA THR A 47 0.28 -40.83 2.00
C THR A 47 0.32 -39.42 2.58
N VAL A 48 -0.43 -39.21 3.65
CA VAL A 48 -0.59 -37.91 4.23
C VAL A 48 -0.57 -38.00 5.76
N ALA A 49 0.38 -37.29 6.39
CA ALA A 49 0.53 -37.26 7.82
C ALA A 49 0.77 -35.83 8.27
N VAL A 50 0.55 -35.61 9.56
CA VAL A 50 0.96 -34.35 10.17
C VAL A 50 2.02 -34.72 11.22
N ARG A 51 3.09 -33.94 11.25
CA ARG A 51 4.18 -34.14 12.20
C ARG A 51 4.08 -33.03 13.21
N VAL A 52 3.72 -33.34 14.46
CA VAL A 52 3.49 -32.37 15.52
C VAL A 52 4.52 -32.62 16.58
N ASN A 53 5.31 -31.57 16.83
CA ASN A 53 6.37 -31.64 17.83
C ASN A 53 7.24 -32.88 17.61
N GLY A 54 7.52 -33.19 16.35
CA GLY A 54 8.41 -34.26 16.01
C GLY A 54 7.76 -35.62 15.81
N THR A 55 6.50 -35.81 16.17
CA THR A 55 5.80 -37.10 16.06
C THR A 55 4.82 -37.09 14.87
N GLU A 56 4.84 -38.15 14.09
N GLU A 56 4.97 -38.04 13.93
CA GLU A 56 4.05 -38.28 12.87
CA GLU A 56 4.00 -38.17 12.83
C GLU A 56 2.73 -39.00 13.14
C GLU A 56 2.71 -38.86 13.29
N HIS A 57 1.63 -38.39 12.67
CA HIS A 57 0.31 -38.94 12.82
C HIS A 57 -0.35 -38.99 11.43
N VAL A 58 -0.81 -40.15 11.03
CA VAL A 58 -1.52 -40.27 9.77
C VAL A 58 -2.85 -39.54 9.81
N MET A 59 -3.14 -38.83 8.75
CA MET A 59 -4.37 -38.05 8.66
C MET A 59 -5.49 -38.83 8.01
N THR A 60 -6.72 -38.46 8.29
CA THR A 60 -7.88 -39.13 7.75
C THR A 60 -8.30 -38.54 6.41
N SER A 61 -8.52 -39.41 5.42
CA SER A 61 -8.98 -39.00 4.14
C SER A 61 -10.51 -38.84 4.14
N LEU A 62 -11.00 -37.65 3.79
CA LEU A 62 -12.42 -37.34 3.77
C LEU A 62 -13.08 -37.34 2.41
N GLY A 63 -12.29 -37.45 1.36
CA GLY A 63 -12.71 -37.31 -0.03
C GLY A 63 -12.49 -35.90 -0.52
N GLY A 64 -12.43 -35.81 -1.86
CA GLY A 64 -12.09 -34.51 -2.44
C GLY A 64 -10.67 -34.06 -2.21
N GLY A 65 -9.80 -34.97 -1.81
CA GLY A 65 -8.45 -34.62 -1.48
C GLY A 65 -8.30 -33.92 -0.13
N ILE A 66 -9.35 -33.93 0.68
CA ILE A 66 -9.31 -33.30 2.01
C ILE A 66 -8.87 -34.29 3.02
N TYR A 67 -7.91 -33.90 3.85
CA TYR A 67 -7.39 -34.75 4.91
C TYR A 67 -7.48 -33.96 6.22
N GLU A 68 -7.80 -34.63 7.33
CA GLU A 68 -8.03 -33.99 8.64
C GLU A 68 -7.52 -34.84 9.77
N LEU A 69 -7.11 -34.23 10.85
CA LEU A 69 -6.82 -34.93 12.08
C LEU A 69 -6.99 -33.96 13.22
N GLU A 70 -7.58 -34.42 14.32
CA GLU A 70 -7.71 -33.67 15.55
C GLU A 70 -6.79 -34.28 16.61
N LEU A 71 -6.01 -33.44 17.28
CA LEU A 71 -5.13 -33.89 18.36
C LEU A 71 -5.18 -32.99 19.52
N PRO A 72 -4.95 -33.49 20.75
CA PRO A 72 -4.99 -32.62 21.96
C PRO A 72 -3.72 -31.79 22.18
N VAL A 73 -3.34 -31.05 21.20
CA VAL A 73 -2.26 -30.10 21.29
C VAL A 73 -2.83 -28.72 21.17
N GLY A 74 -2.14 -27.76 21.77
CA GLY A 74 -2.58 -26.40 21.86
C GLY A 74 -1.72 -25.42 21.10
N PRO A 75 -2.06 -24.15 21.26
CA PRO A 75 -1.30 -23.04 20.71
C PRO A 75 0.15 -23.17 21.15
N GLY A 76 1.07 -22.95 20.21
CA GLY A 76 2.48 -23.08 20.43
C GLY A 76 3.03 -24.35 19.85
N ALA A 77 2.23 -25.38 19.66
CA ALA A 77 2.71 -26.60 19.05
C ALA A 77 3.27 -26.30 17.68
N ARG A 78 4.32 -27.05 17.32
CA ARG A 78 5.02 -26.91 16.05
C ARG A 78 4.65 -28.05 15.15
N TYR A 79 4.44 -27.76 13.85
CA TYR A 79 4.00 -28.79 12.95
C TYR A 79 4.35 -28.53 11.51
N LEU A 80 4.35 -29.58 10.72
CA LEU A 80 4.31 -29.48 9.27
C LEU A 80 3.61 -30.74 8.79
N PHE A 81 3.39 -30.81 7.47
CA PHE A 81 2.72 -31.96 6.88
C PHE A 81 3.73 -32.83 6.18
N VAL A 82 3.40 -34.11 6.04
CA VAL A 82 4.28 -35.05 5.39
C VAL A 82 3.52 -35.68 4.24
N LEU A 83 3.95 -35.40 3.02
CA LEU A 83 3.30 -35.77 1.78
C LEU A 83 4.16 -36.79 1.08
N ASP A 84 3.67 -38.01 0.96
CA ASP A 84 4.49 -39.09 0.37
C ASP A 84 5.89 -39.14 1.01
N GLY A 85 5.93 -39.00 2.32
CA GLY A 85 7.16 -39.05 3.07
C GLY A 85 7.99 -37.81 3.11
N VAL A 86 7.58 -36.75 2.44
CA VAL A 86 8.35 -35.51 2.38
C VAL A 86 7.77 -34.48 3.32
N PRO A 87 8.53 -34.08 4.36
CA PRO A 87 8.08 -32.97 5.25
C PRO A 87 7.95 -31.69 4.46
N THR A 88 6.80 -31.03 4.57
CA THR A 88 6.42 -29.90 3.79
C THR A 88 5.76 -28.84 4.67
N PRO A 89 6.24 -27.60 4.62
CA PRO A 89 5.55 -26.55 5.38
C PRO A 89 4.08 -26.43 4.99
N ASP A 90 3.31 -25.89 5.94
CA ASP A 90 1.88 -25.63 5.77
C ASP A 90 1.71 -24.29 5.05
N PRO A 91 1.13 -24.26 3.83
CA PRO A 91 0.81 -22.98 3.18
C PRO A 91 -0.14 -22.12 3.93
N TYR A 92 -0.92 -22.71 4.81
CA TYR A 92 -1.90 -22.03 5.62
C TYR A 92 -1.36 -21.68 7.01
N ALA A 93 -0.03 -21.82 7.20
CA ALA A 93 0.59 -21.53 8.48
C ALA A 93 0.20 -20.15 8.95
N ARG A 94 -0.12 -20.00 10.24
CA ARG A 94 -0.38 -18.71 10.83
C ARG A 94 0.85 -18.08 11.45
N PHE A 95 1.94 -18.82 11.58
CA PHE A 95 3.20 -18.23 12.01
C PHE A 95 4.30 -19.23 11.69
N LEU A 96 5.44 -18.72 11.28
CA LEU A 96 6.60 -19.52 10.84
C LEU A 96 7.84 -19.01 11.56
N PRO A 97 8.01 -19.41 12.81
CA PRO A 97 9.07 -18.82 13.64
C PRO A 97 10.47 -19.03 13.09
N ASP A 98 10.69 -20.11 12.36
CA ASP A 98 11.96 -20.41 11.77
C ASP A 98 12.03 -20.14 10.31
N GLY A 99 11.10 -19.32 9.80
CA GLY A 99 11.11 -18.97 8.37
C GLY A 99 10.32 -19.93 7.54
N VAL A 100 10.36 -19.67 6.23
CA VAL A 100 9.45 -20.24 5.27
C VAL A 100 9.69 -21.71 4.98
N HIS A 101 10.84 -22.27 5.38
CA HIS A 101 11.13 -23.66 5.16
C HIS A 101 10.96 -24.49 6.41
N GLY A 102 10.50 -23.91 7.49
CA GLY A 102 10.38 -24.49 8.80
C GLY A 102 8.99 -24.92 9.20
N GLU A 103 8.91 -25.38 10.45
CA GLU A 103 7.66 -25.74 11.09
C GLU A 103 6.82 -24.52 11.36
N ALA A 104 5.52 -24.72 11.23
CA ALA A 104 4.56 -23.71 11.63
C ALA A 104 4.29 -23.80 13.13
N GLU A 105 3.73 -22.76 13.69
CA GLU A 105 3.25 -22.76 15.04
C GLU A 105 1.73 -22.64 15.01
N VAL A 106 1.06 -23.40 15.88
CA VAL A 106 -0.36 -23.26 16.06
C VAL A 106 -0.65 -21.94 16.80
N VAL A 107 -1.57 -21.12 16.24
CA VAL A 107 -1.93 -19.81 16.75
C VAL A 107 -3.39 -19.84 17.12
N ASP A 108 -3.69 -19.27 18.28
CA ASP A 108 -5.04 -19.08 18.73
C ASP A 108 -5.35 -17.58 18.69
N PHE A 109 -6.23 -17.20 17.80
CA PHE A 109 -6.59 -15.76 17.66
C PHE A 109 -7.46 -15.21 18.74
N GLY A 110 -8.02 -16.09 19.59
CA GLY A 110 -8.90 -15.70 20.70
C GLY A 110 -8.20 -15.22 21.94
N THR A 111 -6.89 -15.38 22.04
N THR A 111 -6.90 -15.48 22.06
CA THR A 111 -6.25 -15.08 23.30
CA THR A 111 -6.14 -15.14 23.27
C THR A 111 -5.90 -13.62 23.51
C THR A 111 -6.04 -13.61 23.48
N PHE A 112 -5.63 -12.90 22.43
CA PHE A 112 -5.25 -11.49 22.53
C PHE A 112 -6.33 -10.65 23.14
N ASP A 113 -5.98 -9.81 24.09
N ASP A 113 -5.95 -9.73 24.02
CA ASP A 113 -6.94 -8.92 24.71
CA ASP A 113 -6.86 -8.84 24.71
C ASP A 113 -6.96 -7.56 23.94
C ASP A 113 -7.03 -7.49 24.01
N TRP A 114 -7.92 -7.45 23.02
CA TRP A 114 -8.13 -6.23 22.28
C TRP A 114 -8.77 -5.18 23.19
N THR A 115 -8.44 -3.93 22.95
CA THR A 115 -9.04 -2.79 23.67
C THR A 115 -9.73 -1.78 22.76
N ASP A 116 -9.97 -2.16 21.52
CA ASP A 116 -10.45 -1.28 20.49
C ASP A 116 -11.90 -1.40 20.15
N ALA A 117 -12.73 -1.78 21.14
CA ALA A 117 -14.17 -1.88 20.85
C ALA A 117 -14.83 -0.53 20.45
N ASP A 118 -14.25 0.58 20.84
CA ASP A 118 -14.80 1.92 20.49
C ASP A 118 -14.24 2.46 19.19
N TRP A 119 -13.45 1.67 18.46
CA TRP A 119 -12.96 2.06 17.15
C TRP A 119 -13.89 1.42 16.13
N HIS A 120 -14.31 2.18 15.13
CA HIS A 120 -15.26 1.74 14.13
C HIS A 120 -14.80 1.94 12.70
N GLY A 121 -13.53 1.88 12.50
CA GLY A 121 -12.96 1.97 11.16
C GLY A 121 -12.84 3.42 10.71
N ILE A 122 -12.49 3.57 9.43
CA ILE A 122 -12.24 4.89 8.88
C ILE A 122 -12.78 4.88 7.45
N LYS A 123 -13.43 5.97 7.07
N LYS A 123 -13.43 5.96 7.05
CA LYS A 123 -13.91 6.13 5.71
CA LYS A 123 -13.91 6.06 5.69
C LYS A 123 -12.79 6.56 4.79
C LYS A 123 -12.82 6.61 4.78
N LEU A 124 -12.83 6.17 3.54
CA LEU A 124 -11.76 6.54 2.59
C LEU A 124 -11.58 8.06 2.48
N ALA A 125 -12.69 8.77 2.44
CA ALA A 125 -12.67 10.22 2.35
C ALA A 125 -11.98 10.89 3.55
N ASP A 126 -11.78 10.16 4.66
CA ASP A 126 -11.12 10.66 5.82
C ASP A 126 -9.68 10.15 5.94
N CYS A 127 -9.21 9.40 4.95
CA CYS A 127 -7.88 8.86 5.00
C CYS A 127 -6.83 9.83 4.46
N VAL A 128 -5.77 9.97 5.24
CA VAL A 128 -4.47 10.45 4.76
C VAL A 128 -3.55 9.31 5.11
N PHE A 129 -3.09 8.55 4.09
CA PHE A 129 -2.29 7.37 4.33
C PHE A 129 -0.82 7.74 4.57
N TYR A 130 -0.18 6.96 5.40
CA TYR A 130 1.22 7.08 5.71
C TYR A 130 1.84 5.68 5.56
N GLU A 131 2.63 5.49 4.50
CA GLU A 131 3.12 4.19 4.12
C GLU A 131 4.38 3.86 4.91
N VAL A 132 4.32 2.71 5.59
N VAL A 132 4.35 2.73 5.59
CA VAL A 132 5.36 2.21 6.49
CA VAL A 132 5.49 2.31 6.37
C VAL A 132 5.91 0.91 5.97
C VAL A 132 5.93 0.91 6.05
N HIS A 133 7.25 0.80 5.98
CA HIS A 133 7.93 -0.45 5.80
C HIS A 133 8.50 -0.86 7.12
N VAL A 134 7.97 -1.92 7.73
CA VAL A 134 8.29 -2.15 9.17
C VAL A 134 9.81 -2.33 9.39
N GLY A 135 10.48 -2.96 8.47
CA GLY A 135 11.90 -3.24 8.63
C GLY A 135 12.78 -2.01 8.68
N THR A 136 12.41 -0.96 7.95
CA THR A 136 13.21 0.26 7.86
C THR A 136 12.67 1.43 8.65
N PHE A 137 11.41 1.35 9.11
CA PHE A 137 10.75 2.46 9.76
C PHE A 137 11.45 2.85 11.07
N THR A 138 12.03 1.87 11.74
CA THR A 138 12.74 2.09 13.00
C THR A 138 14.05 1.31 12.96
N PRO A 139 14.99 1.65 13.85
CA PRO A 139 16.21 0.88 13.95
C PRO A 139 15.94 -0.59 14.24
N GLU A 140 15.03 -0.87 15.17
CA GLU A 140 14.71 -2.24 15.50
C GLU A 140 14.06 -2.97 14.34
N GLY A 141 13.25 -2.24 13.54
CA GLY A 141 12.60 -2.86 12.41
C GLY A 141 11.48 -3.84 12.79
N THR A 142 10.75 -3.52 13.86
CA THR A 142 9.75 -4.37 14.44
C THR A 142 8.45 -3.64 14.65
N TYR A 143 7.38 -4.42 14.82
CA TYR A 143 6.09 -3.80 15.17
C TYR A 143 6.14 -3.02 16.50
N ARG A 144 6.82 -3.59 17.48
CA ARG A 144 6.86 -2.94 18.77
C ARG A 144 7.50 -1.57 18.71
N ALA A 145 8.57 -1.50 17.96
CA ALA A 145 9.24 -0.19 17.80
C ALA A 145 8.41 0.77 17.00
N ALA A 146 7.71 0.26 15.96
CA ALA A 146 6.79 1.10 15.18
C ALA A 146 5.73 1.68 16.02
N ALA A 147 5.18 0.91 16.97
CA ALA A 147 4.08 1.32 17.81
C ALA A 147 4.49 2.54 18.63
N GLU A 148 5.75 2.66 18.99
CA GLU A 148 6.24 3.83 19.77
C GLU A 148 6.27 5.11 18.98
N LYS A 149 6.18 4.98 17.64
CA LYS A 149 6.08 6.17 16.78
C LYS A 149 4.66 6.61 16.49
N LEU A 150 3.68 5.88 16.99
CA LEU A 150 2.29 6.25 16.76
C LEU A 150 1.88 7.61 17.28
N PRO A 151 2.27 7.99 18.49
CA PRO A 151 1.89 9.33 18.91
C PRO A 151 2.43 10.44 17.98
N TYR A 152 3.64 10.26 17.48
CA TYR A 152 4.23 11.16 16.47
C TYR A 152 3.36 11.22 15.21
N LEU A 153 2.90 10.08 14.73
CA LEU A 153 2.04 10.07 13.54
C LEU A 153 0.71 10.73 13.79
N LYS A 154 0.13 10.51 14.98
CA LYS A 154 -1.13 11.11 15.34
C LYS A 154 -0.96 12.63 15.34
N GLU A 155 0.08 13.09 15.98
N GLU A 155 0.09 13.10 16.00
CA GLU A 155 0.28 14.53 16.07
CA GLU A 155 0.35 14.52 16.08
C GLU A 155 0.63 15.16 14.71
C GLU A 155 0.56 15.12 14.69
N LEU A 156 1.33 14.41 13.87
CA LEU A 156 1.67 14.81 12.49
C LEU A 156 0.39 15.21 11.74
N GLY A 157 -0.63 14.35 11.90
CA GLY A 157 -1.93 14.61 11.32
C GLY A 157 -2.34 13.62 10.26
N VAL A 158 -1.60 12.54 10.05
CA VAL A 158 -2.07 11.46 9.17
C VAL A 158 -3.14 10.68 9.89
N THR A 159 -3.93 9.92 9.15
CA THR A 159 -5.09 9.26 9.76
C THR A 159 -5.12 7.76 9.57
N ALA A 160 -4.29 7.23 8.67
CA ALA A 160 -4.27 5.81 8.38
C ALA A 160 -2.87 5.39 8.01
N ILE A 161 -2.38 4.34 8.65
N ILE A 161 -2.42 4.29 8.62
N ILE A 161 -2.38 4.30 8.62
CA ILE A 161 -1.09 3.80 8.33
CA ILE A 161 -1.12 3.70 8.34
CA ILE A 161 -1.06 3.78 8.29
C ILE A 161 -1.31 2.74 7.24
C ILE A 161 -1.28 2.64 7.26
C ILE A 161 -1.17 2.61 7.32
N GLN A 162 -0.45 2.72 6.21
CA GLN A 162 -0.46 1.74 5.15
C GLN A 162 0.81 0.92 5.29
N VAL A 163 0.66 -0.33 5.74
CA VAL A 163 1.79 -1.20 6.03
C VAL A 163 2.14 -2.05 4.81
N MET A 164 3.44 -2.03 4.42
CA MET A 164 3.91 -2.87 3.35
C MET A 164 3.82 -4.36 3.74
N PRO A 165 3.87 -5.27 2.75
CA PRO A 165 3.40 -6.64 3.02
C PRO A 165 4.15 -7.32 4.15
N LEU A 166 3.34 -8.11 4.89
CA LEU A 166 3.77 -8.79 6.12
C LEU A 166 3.83 -10.31 5.92
N ALA A 167 3.35 -10.86 4.82
CA ALA A 167 3.41 -12.29 4.64
C ALA A 167 4.85 -12.75 4.66
N ALA A 168 5.10 -13.90 5.28
CA ALA A 168 6.45 -14.39 5.40
C ALA A 168 7.11 -14.69 4.07
N PHE A 169 8.35 -14.23 4.00
CA PHE A 169 9.23 -14.44 2.87
C PHE A 169 10.58 -14.89 3.38
N ASP A 170 11.42 -15.34 2.47
CA ASP A 170 12.72 -15.88 2.85
C ASP A 170 13.73 -14.73 3.02
N GLY A 171 14.67 -14.96 3.92
CA GLY A 171 15.66 -13.98 4.29
C GLY A 171 15.30 -13.07 5.46
N GLN A 172 16.25 -12.23 5.84
CA GLN A 172 16.14 -11.43 7.05
C GLN A 172 15.69 -10.00 6.79
N ARG A 173 15.54 -9.61 5.53
CA ARG A 173 14.91 -8.32 5.21
C ARG A 173 14.34 -8.42 3.83
N GLY A 174 13.42 -7.54 3.51
CA GLY A 174 12.84 -7.47 2.20
C GLY A 174 11.69 -6.47 2.22
N TRP A 175 11.26 -6.06 1.03
CA TRP A 175 10.16 -5.12 0.94
C TRP A 175 8.80 -5.79 1.37
N GLY A 176 8.69 -7.06 1.03
CA GLY A 176 7.50 -7.83 1.30
C GLY A 176 6.85 -8.47 0.09
N TYR A 177 7.27 -8.09 -1.10
CA TYR A 177 6.64 -8.60 -2.35
C TYR A 177 7.15 -9.97 -2.74
N ASP A 178 8.04 -10.54 -1.95
CA ASP A 178 8.42 -11.96 -2.07
C ASP A 178 7.70 -12.87 -1.08
N GLY A 179 6.68 -12.34 -0.43
CA GLY A 179 5.83 -13.15 0.48
C GLY A 179 5.42 -14.44 -0.20
N ALA A 180 5.51 -15.50 0.59
CA ALA A 180 5.19 -16.85 0.13
C ALA A 180 4.14 -17.58 1.00
N ALA A 181 4.07 -17.27 2.30
CA ALA A 181 3.10 -17.91 3.22
C ALA A 181 2.17 -16.79 3.67
N PHE A 182 1.05 -16.62 2.96
CA PHE A 182 0.34 -15.37 3.04
C PHE A 182 -0.30 -15.11 4.41
N TYR A 183 -0.53 -16.18 5.15
CA TYR A 183 -1.22 -16.10 6.44
C TYR A 183 -0.27 -15.90 7.63
N ALA A 184 1.04 -15.93 7.39
CA ALA A 184 2.04 -15.98 8.46
C ALA A 184 2.79 -14.65 8.48
N PRO A 185 2.57 -13.82 9.53
CA PRO A 185 3.29 -12.55 9.62
C PRO A 185 4.79 -12.83 9.77
N TYR A 186 5.59 -12.09 9.04
CA TYR A 186 7.04 -12.30 8.90
C TYR A 186 7.76 -12.21 10.22
N ALA A 187 8.42 -13.32 10.63
CA ALA A 187 8.84 -13.45 12.04
C ALA A 187 9.83 -12.37 12.51
N PRO A 188 10.74 -11.88 11.68
CA PRO A 188 11.66 -10.85 12.17
C PRO A 188 10.97 -9.59 12.66
N TYR A 189 9.76 -9.28 12.18
CA TYR A 189 9.09 -8.11 12.62
C TYR A 189 8.43 -8.25 14.01
N GLY A 190 8.19 -9.51 14.41
CA GLY A 190 7.50 -9.77 15.65
C GLY A 190 6.60 -11.02 15.53
N ARG A 191 6.10 -11.40 16.67
CA ARG A 191 5.13 -12.48 16.79
C ARG A 191 3.73 -11.96 16.48
N PRO A 192 2.78 -12.87 16.25
CA PRO A 192 1.39 -12.40 15.95
C PRO A 192 0.88 -11.42 16.98
N GLU A 193 1.10 -11.68 18.28
N GLU A 193 1.12 -11.69 18.26
CA GLU A 193 0.60 -10.77 19.28
CA GLU A 193 0.64 -10.80 19.33
C GLU A 193 1.25 -9.39 19.25
C GLU A 193 1.26 -9.40 19.27
N ASP A 194 2.47 -9.30 18.72
CA ASP A 194 3.13 -8.01 18.54
C ASP A 194 2.45 -7.20 17.43
N LEU A 195 2.01 -7.88 16.38
CA LEU A 195 1.27 -7.17 15.34
C LEU A 195 -0.07 -6.72 15.86
N MET A 196 -0.77 -7.60 16.58
CA MET A 196 -2.00 -7.23 17.20
C MET A 196 -1.87 -6.04 18.12
N ALA A 197 -0.80 -6.03 18.91
CA ALA A 197 -0.58 -4.89 19.80
C ALA A 197 -0.39 -3.55 19.04
N LEU A 198 0.28 -3.63 17.88
CA LEU A 198 0.48 -2.41 17.06
C LEU A 198 -0.86 -1.89 16.54
N VAL A 199 -1.69 -2.81 16.01
CA VAL A 199 -2.99 -2.38 15.50
C VAL A 199 -3.87 -1.86 16.65
N ASP A 200 -3.85 -2.54 17.81
CA ASP A 200 -4.66 -2.08 18.95
C ASP A 200 -4.23 -0.69 19.40
N ALA A 201 -2.93 -0.45 19.44
CA ALA A 201 -2.39 0.87 19.82
C ALA A 201 -2.80 1.97 18.86
N ALA A 202 -2.74 1.65 17.56
CA ALA A 202 -3.15 2.60 16.52
C ALA A 202 -4.62 2.95 16.73
N HIS A 203 -5.43 1.94 16.93
CA HIS A 203 -6.84 2.23 17.11
C HIS A 203 -7.13 3.02 18.34
N ARG A 204 -6.39 2.79 19.41
N ARG A 204 -6.38 2.77 19.41
CA ARG A 204 -6.62 3.58 20.63
CA ARG A 204 -6.55 3.58 20.64
C ARG A 204 -6.23 5.06 20.45
C ARG A 204 -6.34 5.07 20.36
N LEU A 205 -5.36 5.34 19.49
CA LEU A 205 -5.06 6.74 19.09
C LEU A 205 -5.95 7.25 17.99
N GLY A 206 -6.90 6.47 17.52
CA GLY A 206 -7.77 6.90 16.48
C GLY A 206 -7.16 6.84 15.10
N LEU A 207 -6.19 5.96 14.88
CA LEU A 207 -5.55 5.83 13.54
C LEU A 207 -6.03 4.53 12.95
N GLY A 208 -6.30 4.54 11.65
CA GLY A 208 -6.58 3.31 10.96
C GLY A 208 -5.30 2.61 10.54
N VAL A 209 -5.43 1.33 10.21
CA VAL A 209 -4.32 0.51 9.80
C VAL A 209 -4.71 -0.35 8.59
N PHE A 210 -3.94 -0.23 7.48
CA PHE A 210 -4.22 -0.92 6.26
C PHE A 210 -3.02 -1.79 5.96
N LEU A 211 -3.27 -2.89 5.26
CA LEU A 211 -2.20 -3.85 4.92
C LEU A 211 -2.12 -4.07 3.41
N ASP A 212 -0.90 -4.02 2.88
CA ASP A 212 -0.59 -4.36 1.51
C ASP A 212 -0.54 -5.90 1.41
N VAL A 213 -1.34 -6.46 0.49
CA VAL A 213 -1.38 -7.89 0.26
C VAL A 213 -1.15 -8.11 -1.21
N VAL A 214 -0.60 -9.29 -1.52
CA VAL A 214 -0.09 -9.62 -2.85
C VAL A 214 -0.83 -10.86 -3.33
N TYR A 215 -1.85 -10.69 -4.15
CA TYR A 215 -2.69 -11.82 -4.60
C TYR A 215 -2.54 -12.04 -6.10
N ASN A 216 -1.43 -11.57 -6.66
CA ASN A 216 -1.13 -11.83 -8.05
C ASN A 216 0.03 -12.78 -8.26
N HIS A 217 0.83 -13.09 -7.24
CA HIS A 217 1.96 -13.99 -7.35
C HIS A 217 2.41 -14.39 -5.96
N PHE A 218 3.13 -15.50 -5.91
CA PHE A 218 3.88 -15.92 -4.73
C PHE A 218 5.36 -15.67 -4.97
N GLY A 219 6.10 -15.42 -3.90
CA GLY A 219 7.53 -15.23 -3.96
C GLY A 219 8.27 -16.49 -4.36
N PRO A 220 9.55 -16.31 -4.68
CA PRO A 220 10.35 -17.37 -5.26
C PRO A 220 10.97 -18.40 -4.35
N SER A 221 10.79 -18.26 -3.05
CA SER A 221 11.21 -19.25 -2.07
C SER A 221 10.16 -19.31 -0.95
N GLY A 222 9.76 -20.52 -0.62
CA GLY A 222 8.83 -20.71 0.50
C GLY A 222 7.41 -21.07 0.14
N ASN A 223 7.08 -21.08 -1.15
CA ASN A 223 5.70 -21.37 -1.56
C ASN A 223 5.61 -22.87 -1.88
N TYR A 224 4.96 -23.62 -1.00
CA TYR A 224 4.86 -25.08 -1.18
C TYR A 224 3.48 -25.50 -1.66
N LEU A 225 2.64 -24.60 -2.15
CA LEU A 225 1.29 -24.97 -2.54
C LEU A 225 1.29 -26.08 -3.58
N SER A 226 2.20 -26.04 -4.55
N SER A 226 2.20 -26.01 -4.57
N SER A 226 2.21 -26.03 -4.54
CA SER A 226 2.17 -27.04 -5.60
CA SER A 226 2.22 -27.03 -5.63
CA SER A 226 2.22 -26.99 -5.62
C SER A 226 2.54 -28.44 -5.13
C SER A 226 2.53 -28.42 -5.13
C SER A 226 2.65 -28.40 -5.19
N SER A 227 3.21 -28.52 -3.98
CA SER A 227 3.46 -29.83 -3.38
C SER A 227 2.16 -30.50 -2.95
N TYR A 228 1.18 -29.71 -2.58
CA TYR A 228 -0.12 -30.21 -2.22
C TYR A 228 -0.97 -30.46 -3.46
N ALA A 229 -1.05 -29.45 -4.32
CA ALA A 229 -1.89 -29.55 -5.54
C ALA A 229 -1.32 -28.62 -6.60
N PRO A 230 -0.78 -29.20 -7.67
CA PRO A 230 -0.32 -28.33 -8.75
C PRO A 230 -1.40 -27.40 -9.31
N SER A 231 -2.66 -27.78 -9.20
CA SER A 231 -3.78 -27.04 -9.74
C SER A 231 -4.16 -25.82 -8.94
N TYR A 232 -3.42 -25.46 -7.90
CA TYR A 232 -3.53 -24.10 -7.39
C TYR A 232 -3.09 -23.11 -8.50
N PHE A 233 -2.20 -23.52 -9.38
CA PHE A 233 -1.56 -22.70 -10.38
C PHE A 233 -1.88 -23.17 -11.76
N THR A 234 -1.65 -22.26 -12.70
CA THR A 234 -1.85 -22.63 -14.07
C THR A 234 -0.75 -22.13 -14.92
N ASP A 235 -0.48 -22.87 -16.01
CA ASP A 235 0.38 -22.38 -17.10
C ASP A 235 -0.39 -21.54 -18.17
N ARG A 236 -1.66 -21.26 -17.93
N ARG A 236 -1.67 -21.27 -17.96
CA ARG A 236 -2.49 -20.42 -18.83
CA ARG A 236 -2.42 -20.41 -18.88
C ARG A 236 -1.99 -18.97 -18.94
C ARG A 236 -1.74 -19.05 -19.03
N PHE A 237 -1.30 -18.48 -17.91
CA PHE A 237 -0.71 -17.13 -17.90
C PHE A 237 0.30 -17.06 -16.75
N SER A 238 1.08 -15.99 -16.74
CA SER A 238 2.05 -15.73 -15.68
C SER A 238 2.21 -14.23 -15.54
N SER A 239 2.69 -13.79 -14.38
N SER A 239 2.67 -13.80 -14.36
CA SER A 239 3.06 -12.39 -14.20
CA SER A 239 3.07 -12.40 -14.13
C SER A 239 4.56 -12.24 -14.49
C SER A 239 4.55 -12.23 -14.50
N ALA A 240 5.06 -11.02 -14.32
CA ALA A 240 6.51 -10.78 -14.35
C ALA A 240 7.21 -11.47 -13.16
N TRP A 241 6.45 -11.81 -12.11
CA TRP A 241 7.02 -12.22 -10.83
C TRP A 241 6.80 -13.68 -10.44
N GLY A 242 5.98 -14.40 -11.20
CA GLY A 242 5.78 -15.82 -10.93
C GLY A 242 4.72 -16.48 -11.79
N MET A 243 4.56 -17.81 -11.64
N MET A 243 4.62 -17.81 -11.63
CA MET A 243 3.50 -18.54 -12.33
CA MET A 243 3.50 -18.65 -12.07
C MET A 243 2.14 -18.11 -11.88
C MET A 243 2.13 -18.01 -11.86
N GLY A 244 1.18 -18.32 -12.75
CA GLY A 244 -0.09 -17.80 -12.59
C GLY A 244 -0.88 -18.53 -11.51
N LEU A 245 -1.55 -17.76 -10.69
CA LEU A 245 -2.52 -18.25 -9.70
C LEU A 245 -3.80 -18.59 -10.46
N ASP A 246 -4.29 -19.81 -10.32
CA ASP A 246 -5.48 -20.20 -11.09
C ASP A 246 -6.76 -19.88 -10.32
N TYR A 247 -7.35 -18.72 -10.62
CA TYR A 247 -8.58 -18.31 -10.01
C TYR A 247 -9.80 -19.01 -10.55
N ALA A 248 -9.61 -19.91 -11.50
CA ALA A 248 -10.70 -20.85 -11.83
C ALA A 248 -10.77 -22.01 -10.81
N GLU A 249 -9.77 -22.19 -9.98
CA GLU A 249 -9.77 -23.25 -8.97
C GLU A 249 -10.27 -22.69 -7.65
N PRO A 250 -11.41 -23.19 -7.18
CA PRO A 250 -11.96 -22.66 -5.92
C PRO A 250 -10.99 -22.67 -4.75
N HIS A 251 -10.17 -23.70 -4.62
CA HIS A 251 -9.26 -23.65 -3.45
C HIS A 251 -8.25 -22.49 -3.54
N MET A 252 -7.87 -22.09 -4.74
CA MET A 252 -7.01 -20.92 -4.93
C MET A 252 -7.76 -19.64 -4.59
N ARG A 253 -9.01 -19.52 -5.05
CA ARG A 253 -9.83 -18.35 -4.70
C ARG A 253 -9.91 -18.22 -3.19
N ARG A 254 -10.20 -19.36 -2.55
CA ARG A 254 -10.41 -19.36 -1.10
C ARG A 254 -9.09 -19.13 -0.32
N TYR A 255 -7.97 -19.47 -0.91
CA TYR A 255 -6.67 -19.17 -0.27
C TYR A 255 -6.57 -17.66 -0.06
N VAL A 256 -6.89 -16.89 -1.08
CA VAL A 256 -6.78 -15.43 -0.97
C VAL A 256 -7.94 -14.81 -0.24
N THR A 257 -9.19 -15.29 -0.43
CA THR A 257 -10.27 -14.66 0.30
C THR A 257 -10.23 -15.02 1.80
N GLY A 258 -9.76 -16.21 2.13
CA GLY A 258 -9.58 -16.54 3.55
C GLY A 258 -8.48 -15.71 4.17
N ASN A 259 -7.46 -15.39 3.38
CA ASN A 259 -6.36 -14.56 3.86
C ASN A 259 -6.85 -13.14 4.14
N ALA A 260 -7.62 -12.59 3.22
CA ALA A 260 -8.14 -11.25 3.42
C ALA A 260 -8.97 -11.18 4.69
N ARG A 261 -9.80 -12.21 4.90
CA ARG A 261 -10.66 -12.26 6.07
C ARG A 261 -9.84 -12.38 7.34
N MET A 262 -8.74 -13.18 7.32
CA MET A 262 -7.88 -13.26 8.51
C MET A 262 -7.33 -11.88 8.89
N TRP A 263 -6.73 -11.20 7.91
CA TRP A 263 -6.15 -9.90 8.29
C TRP A 263 -7.16 -8.96 8.88
N LEU A 264 -8.32 -8.87 8.27
CA LEU A 264 -9.34 -7.94 8.73
C LEU A 264 -9.97 -8.39 10.05
N ARG A 265 -10.40 -9.64 10.15
CA ARG A 265 -11.10 -10.09 11.37
C ARG A 265 -10.12 -10.34 12.52
N ASP A 266 -9.11 -11.17 12.25
CA ASP A 266 -8.23 -11.68 13.29
C ASP A 266 -7.13 -10.72 13.74
N TYR A 267 -6.70 -9.84 12.83
CA TYR A 267 -5.72 -8.80 13.14
C TYR A 267 -6.29 -7.41 13.26
N HIS A 268 -7.61 -7.26 12.98
CA HIS A 268 -8.27 -5.96 13.13
C HIS A 268 -7.76 -4.88 12.14
N PHE A 269 -7.19 -5.27 11.01
CA PHE A 269 -6.89 -4.28 9.98
C PHE A 269 -8.18 -3.64 9.48
N ASP A 270 -8.08 -2.38 9.06
CA ASP A 270 -9.19 -1.59 8.60
C ASP A 270 -9.41 -1.67 7.11
N GLY A 271 -8.43 -2.18 6.39
CA GLY A 271 -8.51 -2.31 4.98
C GLY A 271 -7.29 -2.93 4.41
N LEU A 272 -7.39 -3.30 3.11
CA LEU A 272 -6.31 -3.90 2.36
C LEU A 272 -6.01 -3.12 1.13
N ARG A 273 -4.75 -3.06 0.75
CA ARG A 273 -4.28 -2.58 -0.53
C ARG A 273 -3.82 -3.76 -1.35
N LEU A 274 -4.51 -4.03 -2.45
CA LEU A 274 -4.22 -5.15 -3.29
C LEU A 274 -3.17 -4.77 -4.32
N ASP A 275 -2.02 -5.41 -4.20
CA ASP A 275 -0.92 -5.17 -5.14
C ASP A 275 -1.28 -5.62 -6.53
N ALA A 276 -0.86 -4.83 -7.51
CA ALA A 276 -0.82 -5.19 -8.92
C ALA A 276 -2.07 -5.93 -9.39
N THR A 277 -3.22 -5.32 -9.16
CA THR A 277 -4.45 -5.95 -9.60
C THR A 277 -4.61 -6.23 -11.09
N PRO A 278 -3.91 -5.55 -12.01
CA PRO A 278 -4.03 -5.94 -13.43
C PRO A 278 -3.62 -7.37 -13.66
N TYR A 279 -2.79 -7.92 -12.78
CA TYR A 279 -2.24 -9.26 -12.93
C TYR A 279 -2.96 -10.36 -12.14
N MET A 280 -4.08 -10.03 -11.56
CA MET A 280 -5.01 -11.01 -10.98
C MET A 280 -5.95 -11.46 -12.08
N THR A 281 -5.43 -12.34 -12.94
CA THR A 281 -6.15 -12.72 -14.11
C THR A 281 -7.20 -13.75 -13.77
N ASP A 282 -8.44 -13.52 -14.19
CA ASP A 282 -9.52 -14.44 -13.87
C ASP A 282 -10.58 -14.25 -14.94
N ASP A 283 -10.97 -15.36 -15.58
CA ASP A 283 -12.03 -15.36 -16.57
C ASP A 283 -13.37 -15.87 -16.01
N SER A 284 -13.45 -16.11 -14.72
CA SER A 284 -14.61 -16.64 -14.08
C SER A 284 -15.78 -15.65 -14.21
N GLU A 285 -16.97 -16.23 -14.16
N GLU A 285 -16.99 -16.14 -14.18
N GLU A 285 -16.98 -16.23 -14.13
CA GLU A 285 -18.17 -15.46 -14.13
CA GLU A 285 -18.09 -15.21 -14.26
CA GLU A 285 -18.22 -15.45 -14.11
C GLU A 285 -18.22 -14.33 -13.11
C GLU A 285 -18.01 -14.18 -13.12
C GLU A 285 -18.09 -14.29 -13.13
N THR A 286 -17.83 -14.62 -11.87
CA THR A 286 -17.60 -13.65 -10.82
C THR A 286 -16.08 -13.49 -10.66
N HIS A 287 -15.56 -12.31 -10.96
CA HIS A 287 -14.14 -12.10 -10.86
C HIS A 287 -13.70 -12.22 -9.41
N ILE A 288 -12.47 -12.72 -9.24
CA ILE A 288 -11.94 -12.81 -7.87
C ILE A 288 -11.96 -11.47 -7.13
N LEU A 289 -11.81 -10.33 -7.79
CA LEU A 289 -11.86 -9.05 -7.11
C LEU A 289 -13.25 -8.83 -6.53
N THR A 290 -14.29 -9.18 -7.31
CA THR A 290 -15.66 -9.04 -6.81
C THR A 290 -15.92 -9.95 -5.63
N GLU A 291 -15.42 -11.17 -5.71
CA GLU A 291 -15.61 -12.15 -4.61
C GLU A 291 -14.81 -11.76 -3.38
N LEU A 292 -13.63 -11.15 -3.54
CA LEU A 292 -12.91 -10.58 -2.41
C LEU A 292 -13.74 -9.55 -1.71
N ALA A 293 -14.35 -8.65 -2.48
CA ALA A 293 -15.17 -7.63 -1.87
C ALA A 293 -16.35 -8.28 -1.15
N GLN A 294 -16.99 -9.29 -1.74
CA GLN A 294 -18.13 -9.95 -1.07
C GLN A 294 -17.67 -10.60 0.20
N GLU A 295 -16.53 -11.26 0.19
CA GLU A 295 -16.07 -12.00 1.36
C GLU A 295 -15.69 -11.08 2.51
N ILE A 296 -15.10 -9.91 2.21
N ILE A 296 -15.14 -9.90 2.16
CA ILE A 296 -14.73 -9.02 3.29
CA ILE A 296 -14.87 -8.85 3.14
C ILE A 296 -15.94 -8.29 3.80
C ILE A 296 -16.16 -8.25 3.65
N HIS A 297 -16.82 -7.94 2.89
N HIS A 297 -17.06 -7.91 2.75
CA HIS A 297 -18.07 -7.32 3.34
CA HIS A 297 -18.31 -7.33 3.23
C HIS A 297 -18.91 -8.23 4.25
C HIS A 297 -19.07 -8.24 4.17
N GLU A 298 -18.88 -9.54 4.00
CA GLU A 298 -19.60 -10.53 4.81
C GLU A 298 -19.22 -10.46 6.28
N LEU A 299 -18.02 -9.97 6.59
CA LEU A 299 -17.61 -9.81 7.97
C LEU A 299 -18.43 -8.81 8.74
N GLY A 300 -19.18 -7.95 8.06
CA GLY A 300 -20.12 -7.07 8.79
C GLY A 300 -19.44 -5.92 9.49
N GLY A 301 -18.36 -5.44 8.92
CA GLY A 301 -17.63 -4.29 9.41
C GLY A 301 -17.65 -3.17 8.43
N THR A 302 -16.61 -2.33 8.53
CA THR A 302 -16.45 -1.13 7.70
C THR A 302 -15.13 -1.19 6.92
N HIS A 303 -14.61 -2.36 6.72
CA HIS A 303 -13.32 -2.53 6.09
C HIS A 303 -13.33 -2.07 4.65
N LEU A 304 -12.18 -1.55 4.17
CA LEU A 304 -12.04 -1.07 2.82
C LEU A 304 -11.10 -1.94 2.00
N LEU A 305 -11.27 -1.94 0.67
N LEU A 305 -11.17 -1.76 0.67
CA LEU A 305 -10.34 -2.57 -0.27
CA LEU A 305 -10.29 -2.46 -0.30
C LEU A 305 -9.94 -1.53 -1.30
C LEU A 305 -9.76 -1.49 -1.39
N LEU A 306 -8.65 -1.46 -1.55
N LEU A 306 -8.46 -1.17 -1.36
CA LEU A 306 -8.07 -0.59 -2.54
CA LEU A 306 -7.90 -0.39 -2.46
C LEU A 306 -7.23 -1.39 -3.51
C LEU A 306 -7.29 -1.38 -3.48
N ALA A 307 -7.28 -0.96 -4.74
CA ALA A 307 -6.50 -1.59 -5.81
C ALA A 307 -5.31 -0.77 -6.27
N GLU A 308 -4.14 -1.38 -6.35
CA GLU A 308 -3.03 -0.79 -7.02
C GLU A 308 -3.07 -1.18 -8.48
N ASP A 309 -3.62 -0.30 -9.31
CA ASP A 309 -3.99 -0.65 -10.67
C ASP A 309 -3.64 0.48 -11.61
N HIS A 310 -2.88 0.19 -12.66
CA HIS A 310 -2.48 1.19 -13.60
C HIS A 310 -3.37 1.37 -14.81
N ARG A 311 -4.44 0.58 -14.91
CA ARG A 311 -5.24 0.59 -16.13
C ARG A 311 -6.20 1.74 -16.31
N ASN A 312 -6.39 2.54 -15.29
CA ASN A 312 -7.34 3.63 -15.32
C ASN A 312 -8.72 3.10 -15.69
N LEU A 313 -9.16 2.16 -14.88
CA LEU A 313 -10.37 1.32 -15.09
C LEU A 313 -11.37 1.56 -13.95
N PRO A 314 -12.40 2.34 -14.17
N PRO A 314 -12.35 2.48 -14.12
CA PRO A 314 -13.33 2.65 -13.06
CA PRO A 314 -13.32 2.71 -13.04
C PRO A 314 -14.11 1.45 -12.57
C PRO A 314 -14.19 1.50 -12.62
N ASP A 315 -14.21 0.42 -13.40
CA ASP A 315 -14.96 -0.78 -13.04
C ASP A 315 -14.46 -1.43 -11.76
N LEU A 316 -13.20 -1.20 -11.38
CA LEU A 316 -12.71 -1.75 -10.13
C LEU A 316 -13.56 -1.29 -8.99
N VAL A 317 -14.01 -0.04 -9.07
CA VAL A 317 -14.91 0.50 -8.09
C VAL A 317 -16.39 0.17 -8.38
N THR A 318 -16.81 0.43 -9.61
CA THR A 318 -18.24 0.40 -9.91
C THR A 318 -18.81 -0.98 -10.18
N VAL A 319 -17.98 -1.97 -10.50
CA VAL A 319 -18.35 -3.32 -10.84
C VAL A 319 -17.80 -4.31 -9.79
N ASN A 320 -16.51 -4.22 -9.48
CA ASN A 320 -15.92 -5.11 -8.50
C ASN A 320 -16.20 -4.68 -7.06
N HIS A 321 -16.64 -3.42 -6.86
CA HIS A 321 -17.03 -2.91 -5.57
C HIS A 321 -15.84 -2.70 -4.63
N LEU A 322 -14.67 -2.43 -5.18
CA LEU A 322 -13.59 -1.92 -4.40
C LEU A 322 -13.84 -0.45 -4.09
N ASP A 323 -13.09 0.07 -3.09
CA ASP A 323 -13.34 1.40 -2.59
C ASP A 323 -12.55 2.49 -3.29
N GLY A 324 -11.40 2.16 -3.84
CA GLY A 324 -10.59 3.17 -4.49
C GLY A 324 -9.38 2.52 -5.12
N ILE A 325 -8.58 3.35 -5.79
CA ILE A 325 -7.53 2.88 -6.71
C ILE A 325 -6.31 3.80 -6.48
N TRP A 326 -5.12 3.21 -6.35
CA TRP A 326 -3.88 3.99 -6.45
C TRP A 326 -3.72 4.37 -7.92
N THR A 327 -3.88 5.68 -8.20
N THR A 327 -3.87 5.64 -8.18
CA THR A 327 -3.98 6.22 -9.56
CA THR A 327 -3.68 6.04 -9.50
C THR A 327 -2.75 7.16 -9.78
C THR A 327 -2.53 6.95 -9.51
N ASP A 328 -1.68 6.62 -10.40
CA ASP A 328 -0.39 7.24 -10.44
C ASP A 328 -0.14 8.24 -11.56
N ASP A 329 -1.10 8.48 -12.43
CA ASP A 329 -0.87 9.55 -13.42
C ASP A 329 -0.54 10.86 -12.74
N PHE A 330 -1.22 11.17 -11.64
CA PHE A 330 -0.90 12.38 -10.91
C PHE A 330 0.56 12.41 -10.43
N HIS A 331 1.00 11.33 -9.76
CA HIS A 331 2.35 11.27 -9.32
C HIS A 331 3.33 11.51 -10.50
N HIS A 332 3.08 10.81 -11.59
N HIS A 332 3.07 10.83 -11.60
CA HIS A 332 4.03 10.85 -12.69
CA HIS A 332 3.98 10.85 -12.75
C HIS A 332 4.06 12.25 -13.29
C HIS A 332 4.05 12.20 -13.39
N GLU A 333 2.90 12.83 -13.49
CA GLU A 333 2.81 14.19 -14.02
C GLU A 333 3.57 15.13 -13.16
N THR A 334 3.40 14.99 -11.85
CA THR A 334 4.10 15.89 -10.91
C THR A 334 5.61 15.71 -10.98
N ARG A 335 6.09 14.50 -10.99
CA ARG A 335 7.51 14.26 -11.03
C ARG A 335 8.08 14.83 -12.34
N VAL A 336 7.42 14.57 -13.48
CA VAL A 336 7.96 15.07 -14.76
C VAL A 336 7.91 16.61 -14.78
N THR A 337 6.90 17.18 -14.15
CA THR A 337 6.87 18.64 -14.05
C THR A 337 8.12 19.19 -13.40
N LEU A 338 8.54 18.55 -12.32
CA LEU A 338 9.64 19.01 -11.50
C LEU A 338 11.03 18.59 -12.03
N THR A 339 11.14 17.53 -12.82
CA THR A 339 12.44 17.05 -13.25
C THR A 339 12.65 17.08 -14.76
N GLY A 340 11.56 17.01 -15.52
CA GLY A 340 11.65 16.87 -16.98
C GLY A 340 12.06 15.52 -17.45
N GLU A 341 12.17 14.55 -16.54
CA GLU A 341 12.64 13.22 -16.95
C GLU A 341 11.67 12.52 -17.86
N GLN A 342 12.24 11.60 -18.65
CA GLN A 342 11.50 10.98 -19.72
C GLN A 342 11.84 9.53 -19.92
N GLU A 343 12.50 8.89 -18.98
CA GLU A 343 12.78 7.48 -19.16
C GLU A 343 11.58 6.62 -18.69
N GLY A 344 11.52 5.43 -19.27
CA GLY A 344 10.49 4.51 -18.95
C GLY A 344 9.08 5.11 -19.08
N TYR A 345 8.25 4.86 -18.06
CA TYR A 345 6.86 5.34 -18.11
C TYR A 345 6.74 6.84 -18.02
N TYR A 346 7.80 7.51 -17.55
CA TYR A 346 7.73 8.97 -17.47
C TYR A 346 7.60 9.60 -18.89
N ALA A 347 8.00 8.88 -19.93
CA ALA A 347 7.80 9.34 -21.31
C ALA A 347 6.33 9.50 -21.67
N GLY A 348 5.41 8.98 -20.84
CA GLY A 348 4.00 9.15 -21.05
C GLY A 348 3.46 10.51 -20.71
N TYR A 349 4.29 11.41 -20.17
CA TYR A 349 3.80 12.65 -19.61
C TYR A 349 4.65 13.83 -20.05
N ARG A 350 4.05 14.96 -20.34
CA ARG A 350 4.75 16.16 -20.68
C ARG A 350 5.17 16.89 -19.38
N GLY A 351 4.33 16.89 -18.36
CA GLY A 351 4.49 17.76 -17.23
C GLY A 351 4.18 19.23 -17.51
N GLY A 352 4.20 19.98 -16.45
CA GLY A 352 3.93 21.42 -16.48
C GLY A 352 2.62 21.79 -15.87
N ALA A 353 2.38 23.08 -15.71
CA ALA A 353 1.19 23.53 -15.02
C ALA A 353 -0.10 23.14 -15.76
N GLU A 354 -0.16 23.33 -17.08
N GLU A 354 -0.08 23.34 -17.07
N GLU A 354 -0.13 23.34 -17.08
CA GLU A 354 -1.36 22.98 -17.81
CA GLU A 354 -1.21 23.02 -17.90
CA GLU A 354 -1.31 22.98 -17.85
C GLU A 354 -1.59 21.46 -17.76
C GLU A 354 -1.54 21.52 -17.82
C GLU A 354 -1.59 21.47 -17.77
N ALA A 355 -0.53 20.65 -17.89
CA ALA A 355 -0.67 19.23 -17.81
C ALA A 355 -1.18 18.76 -16.45
N LEU A 356 -0.66 19.36 -15.41
N LEU A 356 -0.65 19.32 -15.36
CA LEU A 356 -1.09 18.99 -14.10
CA LEU A 356 -1.18 19.01 -14.00
C LEU A 356 -2.54 19.43 -13.84
C LEU A 356 -2.62 19.39 -13.89
N ALA A 357 -2.96 20.60 -14.35
CA ALA A 357 -4.33 21.03 -14.27
C ALA A 357 -5.26 20.05 -14.95
N TYR A 358 -4.85 19.51 -16.08
CA TYR A 358 -5.67 18.59 -16.81
C TYR A 358 -5.79 17.23 -16.07
N THR A 359 -4.68 16.69 -15.59
CA THR A 359 -4.69 15.38 -14.93
C THR A 359 -5.54 15.47 -13.67
N ILE A 360 -5.45 16.55 -12.91
CA ILE A 360 -6.32 16.70 -11.76
C ILE A 360 -7.78 16.79 -12.13
N ARG A 361 -8.09 17.61 -13.12
N ARG A 361 -8.14 17.62 -13.11
CA ARG A 361 -9.44 17.80 -13.64
CA ARG A 361 -9.58 17.75 -13.43
C ARG A 361 -10.07 16.48 -14.02
C ARG A 361 -10.14 16.47 -14.05
N ARG A 362 -9.30 15.63 -14.65
CA ARG A 362 -9.79 14.32 -15.14
C ARG A 362 -9.57 13.20 -14.16
N GLY A 363 -8.90 13.45 -13.04
CA GLY A 363 -8.56 12.41 -12.07
C GLY A 363 -7.35 11.59 -12.46
N TRP A 364 -7.41 11.02 -13.65
CA TRP A 364 -6.25 10.43 -14.31
C TRP A 364 -6.19 10.98 -15.75
N ARG A 365 -5.01 10.94 -16.34
CA ARG A 365 -4.85 11.48 -17.67
C ARG A 365 -5.38 10.60 -18.78
N TYR A 366 -5.00 9.33 -18.73
CA TYR A 366 -5.26 8.44 -19.85
C TYR A 366 -6.63 7.78 -19.67
N GLU A 367 -7.55 8.25 -20.54
CA GLU A 367 -8.96 7.83 -20.56
C GLU A 367 -9.32 7.10 -21.84
N GLY A 368 -8.30 6.53 -22.49
CA GLY A 368 -8.48 5.78 -23.74
C GLY A 368 -7.57 6.18 -24.85
N GLN A 369 -6.81 7.26 -24.65
N GLN A 369 -6.86 7.30 -24.71
CA GLN A 369 -5.85 7.77 -25.63
CA GLN A 369 -5.95 7.72 -25.78
C GLN A 369 -4.67 6.84 -25.76
C GLN A 369 -4.71 6.84 -25.79
N PHE A 370 -3.97 6.95 -26.88
CA PHE A 370 -2.84 6.16 -27.11
C PHE A 370 -1.68 6.45 -26.13
N TRP A 371 -1.16 5.40 -25.53
CA TRP A 371 0.00 5.37 -24.66
C TRP A 371 1.15 4.96 -25.58
N ALA A 372 2.06 5.94 -25.82
CA ALA A 372 3.06 5.82 -26.89
C ALA A 372 4.44 5.36 -26.36
N VAL A 373 4.51 4.99 -25.09
CA VAL A 373 5.75 4.55 -24.46
C VAL A 373 6.26 3.32 -25.19
N LYS A 374 7.50 3.38 -25.64
CA LYS A 374 8.04 2.34 -26.50
C LYS A 374 8.03 1.01 -25.79
N GLY A 375 7.55 -0.01 -26.48
CA GLY A 375 7.41 -1.32 -25.85
C GLY A 375 6.10 -1.60 -25.15
N GLU A 376 5.28 -0.57 -24.95
CA GLU A 376 4.07 -0.65 -24.12
C GLU A 376 2.86 -0.10 -24.88
N GLU A 377 2.97 0.14 -26.19
CA GLU A 377 2.02 0.92 -26.91
C GLU A 377 0.65 0.24 -26.93
N HIS A 378 -0.39 1.00 -26.59
CA HIS A 378 -1.77 0.58 -26.64
C HIS A 378 -2.65 1.77 -26.32
N GLU A 379 -3.95 1.62 -26.46
CA GLU A 379 -4.91 2.63 -26.04
C GLU A 379 -5.18 2.39 -24.55
N ARG A 380 -4.76 3.35 -23.74
CA ARG A 380 -4.77 3.18 -22.28
C ARG A 380 -5.84 3.93 -21.61
N GLY A 381 -6.63 3.23 -20.80
CA GLY A 381 -7.53 3.84 -19.86
C GLY A 381 -8.95 3.98 -20.34
N HIS A 382 -9.77 4.54 -19.47
CA HIS A 382 -11.19 4.66 -19.62
C HIS A 382 -11.64 5.99 -19.07
N PRO A 383 -12.82 6.43 -19.44
CA PRO A 383 -13.38 7.67 -18.88
C PRO A 383 -13.46 7.58 -17.35
N SER A 384 -13.07 8.65 -16.67
CA SER A 384 -13.04 8.73 -15.23
C SER A 384 -14.32 9.27 -14.58
N ASP A 385 -15.31 9.62 -15.39
CA ASP A 385 -16.44 10.36 -14.91
C ASP A 385 -17.16 9.75 -13.71
N ALA A 386 -17.26 8.41 -13.66
CA ALA A 386 -17.99 7.77 -12.58
C ALA A 386 -17.34 7.93 -11.25
N LEU A 387 -16.01 8.13 -11.23
CA LEU A 387 -15.30 8.13 -9.93
C LEU A 387 -15.36 9.47 -9.28
N GLU A 388 -15.51 9.45 -7.94
CA GLU A 388 -15.54 10.65 -7.12
C GLU A 388 -14.13 10.85 -6.51
N ALA A 389 -13.88 12.03 -6.01
CA ALA A 389 -12.53 12.37 -5.59
C ALA A 389 -11.88 11.32 -4.67
N PRO A 390 -12.57 10.80 -3.62
CA PRO A 390 -11.88 9.87 -2.73
C PRO A 390 -11.45 8.59 -3.38
N ASN A 391 -12.12 8.22 -4.47
CA ASN A 391 -11.75 6.98 -5.15
C ASN A 391 -10.33 6.96 -5.78
N PHE A 392 -9.77 8.15 -5.93
CA PHE A 392 -8.41 8.28 -6.47
C PHE A 392 -7.47 8.44 -5.30
N VAL A 393 -6.47 7.57 -5.20
CA VAL A 393 -5.43 7.71 -4.22
C VAL A 393 -4.19 8.28 -4.94
N TYR A 394 -3.83 9.50 -4.54
CA TYR A 394 -2.73 10.30 -5.09
C TYR A 394 -1.53 10.26 -4.16
N CYS A 395 -0.35 10.42 -4.75
CA CYS A 395 0.87 10.61 -3.95
C CYS A 395 1.87 11.37 -4.80
N ILE A 396 2.88 11.86 -4.11
CA ILE A 396 4.10 12.34 -4.75
C ILE A 396 5.31 11.44 -4.47
N GLN A 397 5.16 10.50 -3.52
CA GLN A 397 6.14 9.50 -3.15
C GLN A 397 5.41 8.27 -2.67
N ASN A 398 5.95 7.11 -2.99
CA ASN A 398 5.55 5.83 -2.36
C ASN A 398 6.72 4.86 -2.52
N HIS A 399 6.55 3.64 -2.01
CA HIS A 399 7.69 2.72 -2.02
C HIS A 399 8.24 2.45 -3.42
N ASP A 400 7.33 2.36 -4.38
CA ASP A 400 7.77 2.11 -5.74
C ASP A 400 8.38 3.31 -6.42
N GLN A 401 7.74 4.46 -6.22
CA GLN A 401 8.19 5.69 -6.93
C GLN A 401 9.51 6.22 -6.40
N ILE A 402 9.94 5.70 -5.24
CA ILE A 402 11.28 5.91 -4.73
C ILE A 402 12.15 4.71 -5.09
N GLY A 403 11.73 3.53 -4.66
CA GLY A 403 12.57 2.32 -4.73
C GLY A 403 12.85 1.76 -6.09
N ASN A 404 12.00 2.11 -7.04
N ASN A 404 12.02 2.07 -7.06
CA ASN A 404 12.20 1.67 -8.44
CA ASN A 404 12.28 1.56 -8.40
C ASN A 404 13.33 2.41 -9.15
C ASN A 404 13.18 2.52 -9.21
N ARG A 405 13.80 3.49 -8.54
CA ARG A 405 14.88 4.29 -9.10
C ARG A 405 16.21 3.61 -8.78
N PRO A 406 17.17 3.70 -9.68
CA PRO A 406 18.43 2.99 -9.49
C PRO A 406 19.07 3.23 -8.13
N LEU A 407 19.04 4.45 -7.65
CA LEU A 407 19.65 4.79 -6.38
C LEU A 407 18.63 5.00 -5.29
N GLY A 408 17.35 4.77 -5.59
CA GLY A 408 16.33 4.86 -4.54
C GLY A 408 16.18 6.25 -3.96
N GLU A 409 16.43 7.31 -4.73
CA GLU A 409 16.37 8.63 -4.21
C GLU A 409 14.96 9.19 -4.17
N ARG A 410 14.75 9.99 -3.16
CA ARG A 410 13.50 10.71 -2.93
C ARG A 410 13.36 11.90 -3.87
N LEU A 411 12.17 12.46 -3.95
CA LEU A 411 11.87 13.53 -4.93
C LEU A 411 12.76 14.74 -4.73
N HIS A 412 12.97 15.15 -3.49
CA HIS A 412 13.86 16.30 -3.22
C HIS A 412 15.34 15.98 -3.49
N GLN A 413 15.66 14.72 -3.68
CA GLN A 413 17.02 14.29 -3.97
C GLN A 413 17.33 14.10 -5.43
N SER A 414 16.32 14.17 -6.29
CA SER A 414 16.57 14.12 -7.71
C SER A 414 17.17 15.44 -8.19
N ASP A 415 17.96 15.31 -9.25
N ASP A 415 18.13 15.31 -9.09
CA ASP A 415 18.64 16.46 -9.84
CA ASP A 415 18.93 16.45 -9.46
C ASP A 415 17.62 17.48 -10.30
C ASP A 415 18.05 17.62 -9.90
N GLY A 416 17.87 18.72 -9.95
N GLY A 416 18.26 18.78 -9.27
CA GLY A 416 17.07 19.85 -10.35
CA GLY A 416 17.60 20.01 -9.70
C GLY A 416 15.87 20.16 -9.47
C GLY A 416 16.36 20.38 -8.92
N VAL A 417 15.65 19.39 -8.39
CA VAL A 417 14.49 19.63 -7.55
C VAL A 417 14.91 20.38 -6.29
N THR A 418 14.26 21.52 -6.02
CA THR A 418 14.55 22.27 -4.82
C THR A 418 13.63 21.89 -3.69
N LEU A 419 14.01 22.17 -2.44
CA LEU A 419 13.11 21.96 -1.37
C LEU A 419 11.90 22.84 -1.47
N HIS A 420 12.01 24.01 -2.09
CA HIS A 420 10.82 24.84 -2.31
C HIS A 420 9.81 24.15 -3.18
N GLU A 421 10.28 23.56 -4.26
CA GLU A 421 9.42 22.76 -5.17
C GLU A 421 8.80 21.62 -4.42
N TYR A 422 9.59 20.92 -3.59
CA TYR A 422 9.13 19.80 -2.82
C TYR A 422 8.01 20.22 -1.88
N ARG A 423 8.18 21.35 -1.23
CA ARG A 423 7.16 21.83 -0.33
C ARG A 423 5.90 22.29 -1.06
N GLY A 424 6.07 22.90 -2.23
CA GLY A 424 4.87 23.24 -3.03
C GLY A 424 4.10 22.00 -3.44
N ALA A 425 4.82 20.91 -3.80
CA ALA A 425 4.15 19.69 -4.17
C ALA A 425 3.31 19.12 -3.05
N ALA A 426 3.83 19.22 -1.83
CA ALA A 426 3.11 18.78 -0.67
C ALA A 426 1.83 19.55 -0.53
N ALA A 427 1.88 20.89 -0.70
CA ALA A 427 0.72 21.69 -0.59
C ALA A 427 -0.36 21.30 -1.58
N LEU A 428 0.08 21.00 -2.81
CA LEU A 428 -0.87 20.54 -3.81
C LEU A 428 -1.52 19.23 -3.38
N LEU A 429 -0.72 18.25 -3.03
CA LEU A 429 -1.24 16.93 -2.69
C LEU A 429 -2.23 17.02 -1.52
N LEU A 430 -1.83 17.77 -0.50
CA LEU A 430 -2.57 17.76 0.74
C LEU A 430 -3.74 18.70 0.83
N THR A 431 -3.95 19.51 -0.20
CA THR A 431 -5.17 20.30 -0.28
C THR A 431 -6.20 19.77 -1.27
N LEU A 432 -5.84 18.81 -2.09
CA LEU A 432 -6.76 18.19 -3.06
C LEU A 432 -7.78 17.31 -2.37
N PRO A 433 -8.96 17.15 -2.95
CA PRO A 433 -9.99 16.31 -2.32
C PRO A 433 -9.74 14.80 -2.55
N MET A 434 -8.85 14.46 -3.47
CA MET A 434 -8.42 13.10 -3.66
C MET A 434 -7.76 12.59 -2.39
N THR A 435 -7.68 11.27 -2.25
CA THR A 435 -7.18 10.66 -1.02
C THR A 435 -5.63 10.59 -1.10
N PRO A 436 -4.92 11.30 -0.21
CA PRO A 436 -3.47 11.36 -0.31
C PRO A 436 -2.76 10.24 0.44
N LEU A 437 -1.59 9.89 -0.07
CA LEU A 437 -0.69 8.97 0.57
C LEU A 437 0.68 9.64 0.63
N LEU A 438 1.31 9.50 1.80
CA LEU A 438 2.69 9.91 2.08
C LEU A 438 3.54 8.67 2.33
N PHE A 439 4.81 8.74 1.97
CA PHE A 439 5.75 7.65 2.30
C PHE A 439 6.52 8.04 3.57
N GLN A 440 6.82 7.08 4.44
CA GLN A 440 7.57 7.32 5.67
C GLN A 440 8.78 8.24 5.43
N GLY A 441 8.88 9.28 6.26
CA GLY A 441 10.00 10.20 6.20
C GLY A 441 9.81 11.35 5.21
N GLN A 442 8.84 11.23 4.31
N GLN A 442 8.86 11.29 4.27
CA GLN A 442 8.60 12.29 3.33
CA GLN A 442 8.78 12.40 3.30
C GLN A 442 8.38 13.60 4.02
C GLN A 442 8.35 13.69 3.99
N GLU A 443 7.69 13.58 5.16
CA GLU A 443 7.24 14.75 5.85
C GLU A 443 8.33 15.60 6.45
N TRP A 444 9.53 15.03 6.61
CA TRP A 444 10.69 15.78 7.03
C TRP A 444 11.74 15.91 5.98
N ALA A 445 11.44 15.59 4.72
CA ALA A 445 12.41 15.58 3.66
C ALA A 445 13.60 14.73 4.05
N ALA A 446 13.30 13.47 4.34
CA ALA A 446 14.32 12.55 4.83
C ALA A 446 15.54 12.48 3.94
N SER A 447 16.68 12.30 4.60
CA SER A 447 17.94 12.24 3.87
C SER A 447 18.29 10.91 3.30
N THR A 448 17.56 9.88 3.68
CA THR A 448 17.86 8.52 3.37
C THR A 448 17.11 8.09 2.14
N PRO A 449 17.71 7.27 1.28
CA PRO A 449 16.98 6.68 0.13
C PRO A 449 16.07 5.58 0.64
N PHE A 450 15.25 5.10 -0.28
CA PHE A 450 14.52 3.82 -0.01
C PHE A 450 14.90 2.95 -1.21
N GLN A 451 15.86 2.04 -1.00
CA GLN A 451 16.41 1.24 -2.06
C GLN A 451 15.77 -0.17 -2.04
N PHE A 452 15.84 -0.84 -3.16
CA PHE A 452 15.42 -2.20 -3.23
C PHE A 452 16.46 -3.10 -2.52
N PHE A 453 15.97 -3.87 -1.54
CA PHE A 453 16.79 -4.80 -0.78
C PHE A 453 16.08 -6.15 -0.64
N SER A 454 16.90 -7.22 -0.55
CA SER A 454 16.44 -8.54 -0.40
C SER A 454 17.52 -9.34 0.30
N ASP A 455 17.18 -10.59 0.66
CA ASP A 455 18.13 -11.47 1.33
C ASP A 455 17.88 -12.92 1.01
N HIS A 456 17.77 -13.21 -0.27
CA HIS A 456 17.60 -14.61 -0.68
C HIS A 456 18.88 -15.42 -0.55
N ALA A 457 18.71 -16.74 -0.47
CA ALA A 457 19.76 -17.69 -0.26
C ALA A 457 20.32 -18.13 -1.61
N GLY A 458 21.58 -18.59 -1.59
CA GLY A 458 22.18 -19.31 -2.71
C GLY A 458 22.09 -18.68 -4.07
N GLU A 459 21.72 -19.48 -5.09
CA GLU A 459 21.70 -19.04 -6.45
C GLU A 459 20.62 -18.00 -6.69
N LEU A 460 19.47 -18.13 -6.02
CA LEU A 460 18.43 -17.13 -6.15
C LEU A 460 18.95 -15.77 -5.74
N GLY A 461 19.65 -15.73 -4.62
CA GLY A 461 20.23 -14.47 -4.15
C GLY A 461 21.18 -13.89 -5.16
N GLN A 462 22.02 -14.75 -5.73
CA GLN A 462 22.97 -14.27 -6.74
C GLN A 462 22.27 -13.69 -7.98
N ALA A 463 21.15 -14.32 -8.37
CA ALA A 463 20.37 -13.89 -9.51
C ALA A 463 19.67 -12.56 -9.25
N VAL A 464 19.31 -12.29 -7.98
CA VAL A 464 18.68 -11.02 -7.67
C VAL A 464 19.72 -9.94 -7.92
N SER A 465 20.92 -10.16 -7.40
CA SER A 465 21.98 -9.17 -7.52
C SER A 465 22.31 -8.94 -9.01
N GLU A 466 22.43 -10.04 -9.76
CA GLU A 466 22.72 -9.95 -11.20
C GLU A 466 21.60 -9.25 -11.97
N GLY A 467 20.36 -9.57 -11.65
CA GLY A 467 19.20 -8.98 -12.32
C GLY A 467 19.13 -7.48 -12.14
N ARG A 468 19.47 -7.02 -10.93
CA ARG A 468 19.39 -5.58 -10.61
C ARG A 468 20.48 -4.82 -11.37
N LYS A 469 21.65 -5.46 -11.44
CA LYS A 469 22.80 -4.91 -12.16
C LYS A 469 22.46 -4.69 -13.65
N LYS A 470 21.84 -5.72 -14.24
CA LYS A 470 21.49 -5.73 -15.66
C LYS A 470 20.38 -4.75 -15.99
N GLU A 471 19.33 -4.73 -15.15
CA GLU A 471 18.17 -3.89 -15.45
C GLU A 471 18.56 -2.40 -15.52
N PHE A 472 19.58 -2.01 -14.78
CA PHE A 472 20.07 -0.65 -14.88
C PHE A 472 21.47 -0.67 -15.49
N ASP A 482 27.30 3.80 -8.61
CA ASP A 482 26.86 2.47 -9.01
C ASP A 482 25.54 2.05 -8.32
N VAL A 483 24.87 1.06 -8.92
CA VAL A 483 23.57 0.61 -8.39
C VAL A 483 23.80 -0.25 -7.13
N PRO A 484 23.14 0.06 -6.00
CA PRO A 484 23.36 -0.71 -4.79
C PRO A 484 22.92 -2.17 -4.94
N ASP A 485 23.76 -3.10 -4.49
CA ASP A 485 23.42 -4.53 -4.56
C ASP A 485 22.25 -4.81 -3.60
N PRO A 486 21.09 -5.26 -4.09
CA PRO A 486 19.94 -5.46 -3.20
C PRO A 486 20.22 -6.45 -2.10
N GLN A 487 21.13 -7.40 -2.32
CA GLN A 487 21.44 -8.42 -1.35
C GLN A 487 22.42 -8.00 -0.26
N ALA A 488 23.03 -6.82 -0.41
CA ALA A 488 23.97 -6.32 0.60
C ALA A 488 23.23 -5.78 1.80
N GLU A 489 23.72 -6.12 3.00
CA GLU A 489 23.16 -5.57 4.23
C GLU A 489 23.15 -4.06 4.20
N GLN A 490 24.17 -3.44 3.59
CA GLN A 490 24.28 -2.00 3.61
C GLN A 490 23.11 -1.35 2.86
N THR A 491 22.56 -2.03 1.86
CA THR A 491 21.46 -1.45 1.08
C THR A 491 20.21 -1.30 1.94
N PHE A 492 19.98 -2.31 2.78
CA PHE A 492 18.91 -2.27 3.80
C PHE A 492 19.17 -1.19 4.83
N LEU A 493 20.38 -1.18 5.41
CA LEU A 493 20.65 -0.20 6.42
C LEU A 493 20.60 1.22 5.88
N ASN A 494 21.04 1.40 4.65
N ASN A 494 21.06 1.40 4.61
CA ASN A 494 21.00 2.76 4.12
CA ASN A 494 20.94 2.70 3.85
C ASN A 494 19.58 3.28 3.94
C ASN A 494 19.55 3.29 4.03
N SER A 495 18.58 2.40 3.96
CA SER A 495 17.18 2.75 3.79
C SER A 495 16.47 3.01 5.11
N LYS A 496 17.14 2.75 6.24
CA LYS A 496 16.58 3.00 7.53
C LYS A 496 16.30 4.49 7.75
N LEU A 497 15.16 4.84 8.30
CA LEU A 497 14.88 6.25 8.68
C LEU A 497 15.83 6.66 9.82
N ASN A 498 16.28 7.89 9.73
CA ASN A 498 17.07 8.57 10.77
C ASN A 498 16.14 9.45 11.52
N TRP A 499 15.65 9.06 12.70
N TRP A 499 15.87 9.07 12.77
CA TRP A 499 14.64 9.90 13.35
CA TRP A 499 14.89 9.69 13.63
C TRP A 499 15.26 11.18 13.90
C TRP A 499 15.38 10.93 14.42
N ALA A 500 16.61 11.23 14.22
CA ALA A 500 17.22 12.41 14.77
C ALA A 500 17.06 13.61 13.87
N GLU A 501 17.18 13.38 12.58
CA GLU A 501 17.41 14.52 11.68
C GLU A 501 16.19 15.44 11.58
N ARG A 502 14.97 14.94 11.89
CA ARG A 502 13.79 15.80 11.78
C ARG A 502 13.75 16.95 12.75
N GLU A 503 14.62 16.89 13.75
N GLU A 503 14.59 16.91 13.77
CA GLU A 503 14.71 17.89 14.83
CA GLU A 503 14.55 17.92 14.81
C GLU A 503 15.21 19.24 14.39
C GLU A 503 15.39 19.16 14.49
N GLY A 504 15.91 19.27 13.28
CA GLY A 504 16.63 20.46 12.90
C GLY A 504 16.63 20.85 11.45
N GLY A 505 17.00 22.09 11.25
CA GLY A 505 17.24 22.61 9.92
C GLY A 505 16.03 22.53 9.02
N GLU A 506 16.33 22.19 7.75
CA GLU A 506 15.29 22.13 6.74
C GLU A 506 14.40 20.91 6.91
N HIS A 507 14.88 19.89 7.62
CA HIS A 507 14.02 18.74 7.90
C HIS A 507 12.92 19.25 8.81
N ALA A 508 13.27 19.99 9.86
CA ALA A 508 12.27 20.51 10.78
C ALA A 508 11.33 21.51 10.11
N ARG A 509 11.85 22.33 9.19
N ARG A 509 11.86 22.30 9.18
CA ARG A 509 11.01 23.28 8.49
CA ARG A 509 11.05 23.29 8.48
C ARG A 509 10.00 22.56 7.61
C ARG A 509 10.04 22.60 7.56
N THR A 510 10.44 21.50 6.94
CA THR A 510 9.54 20.73 6.10
C THR A 510 8.47 20.05 6.95
N LEU A 511 8.86 19.54 8.13
CA LEU A 511 7.90 18.90 9.02
C LEU A 511 6.89 19.88 9.52
N ARG A 512 7.29 21.13 9.85
N ARG A 512 7.33 21.10 9.82
CA ARG A 512 6.29 22.13 10.28
CA ARG A 512 6.40 22.11 10.23
C ARG A 512 5.30 22.42 9.15
C ARG A 512 5.33 22.34 9.15
N LEU A 513 5.74 22.46 7.89
CA LEU A 513 4.80 22.64 6.80
C LEU A 513 3.81 21.47 6.70
N TYR A 514 4.32 20.25 6.79
CA TYR A 514 3.43 19.09 6.71
C TYR A 514 2.43 19.13 7.84
N ARG A 515 2.83 19.48 9.07
CA ARG A 515 1.90 19.59 10.17
C ARG A 515 0.82 20.67 9.88
N ASP A 516 1.26 21.81 9.35
CA ASP A 516 0.35 22.89 9.04
C ASP A 516 -0.64 22.47 7.93
N LEU A 517 -0.15 21.79 6.90
CA LEU A 517 -1.03 21.30 5.84
C LEU A 517 -2.04 20.29 6.32
N LEU A 518 -1.57 19.35 7.13
CA LEU A 518 -2.46 18.30 7.65
C LEU A 518 -3.48 18.87 8.59
N ARG A 519 -3.15 19.87 9.40
N ARG A 519 -3.09 19.87 9.39
CA ARG A 519 -4.17 20.46 10.23
CA ARG A 519 -4.02 20.60 10.24
C ARG A 519 -5.22 21.21 9.40
C ARG A 519 -5.01 21.38 9.38
N LEU A 520 -4.79 22.00 8.42
N LEU A 520 -4.51 22.00 8.31
CA LEU A 520 -5.74 22.69 7.55
CA LEU A 520 -5.37 22.75 7.41
C LEU A 520 -6.61 21.69 6.85
C LEU A 520 -6.41 21.84 6.74
N ARG A 521 -6.01 20.63 6.35
CA ARG A 521 -6.86 19.66 5.67
C ARG A 521 -7.98 19.22 6.60
N ARG A 522 -7.65 19.01 7.86
CA ARG A 522 -8.62 18.52 8.86
C ARG A 522 -9.62 19.57 9.22
N GLU A 523 -9.16 20.80 9.33
CA GLU A 523 -9.96 21.88 9.97
C GLU A 523 -10.65 22.84 9.01
N ASP A 524 -10.11 23.00 7.80
CA ASP A 524 -10.66 24.05 6.94
C ASP A 524 -12.00 23.58 6.33
N PRO A 525 -13.06 24.38 6.51
CA PRO A 525 -14.36 23.88 6.11
C PRO A 525 -14.58 23.79 4.62
N VAL A 526 -13.77 24.46 3.81
CA VAL A 526 -13.91 24.35 2.37
C VAL A 526 -13.09 23.16 1.87
N LEU A 527 -11.90 22.97 2.43
CA LEU A 527 -11.09 21.81 2.05
C LEU A 527 -11.69 20.48 2.41
N HIS A 528 -12.70 20.50 3.28
CA HIS A 528 -13.50 19.32 3.55
C HIS A 528 -14.20 18.77 2.30
N ASN A 529 -14.31 19.61 1.26
CA ASN A 529 -14.90 19.13 0.03
C ASN A 529 -14.33 17.80 -0.43
N ARG A 530 -15.23 16.93 -0.90
CA ARG A 530 -14.83 15.66 -1.50
C ARG A 530 -15.55 15.38 -2.80
N GLN A 531 -16.00 16.45 -3.45
CA GLN A 531 -16.75 16.38 -4.73
C GLN A 531 -15.93 17.02 -5.86
N ARG A 532 -15.73 16.28 -6.91
CA ARG A 532 -15.09 16.78 -8.10
C ARG A 532 -15.93 17.91 -8.75
N GLU A 533 -17.25 17.91 -8.52
CA GLU A 533 -18.08 18.98 -9.05
C GLU A 533 -17.65 20.34 -8.52
N ASN A 534 -17.03 20.37 -7.35
CA ASN A 534 -16.66 21.64 -6.72
C ASN A 534 -15.19 22.09 -6.93
N LEU A 535 -14.49 21.29 -7.73
CA LEU A 535 -13.03 21.46 -7.95
C LEU A 535 -12.82 21.85 -9.39
N THR A 536 -12.08 22.93 -9.62
CA THR A 536 -11.68 23.37 -10.95
C THR A 536 -10.20 23.67 -10.93
N THR A 537 -9.58 23.58 -12.11
CA THR A 537 -8.15 23.83 -12.20
C THR A 537 -7.86 24.61 -13.49
N GLY A 538 -6.68 25.22 -13.51
CA GLY A 538 -6.21 25.88 -14.70
C GLY A 538 -4.76 26.30 -14.54
N HIS A 539 -4.29 27.10 -15.47
CA HIS A 539 -2.93 27.58 -15.41
C HIS A 539 -2.82 28.96 -16.03
N ASP A 540 -1.75 29.65 -15.70
CA ASP A 540 -1.31 30.87 -16.39
C ASP A 540 0.19 30.76 -16.53
N GLY A 541 0.68 30.43 -17.73
CA GLY A 541 2.12 30.14 -17.85
C GLY A 541 2.49 28.93 -17.00
N ASP A 542 3.49 29.12 -16.15
CA ASP A 542 3.95 28.09 -15.25
C ASP A 542 3.30 28.10 -13.88
N VAL A 543 2.24 28.86 -13.69
CA VAL A 543 1.49 28.92 -12.44
C VAL A 543 0.25 28.02 -12.60
N LEU A 544 0.17 26.98 -11.75
CA LEU A 544 -1.03 26.17 -11.60
C LEU A 544 -1.98 26.77 -10.61
N TRP A 545 -3.26 26.72 -10.91
CA TRP A 545 -4.25 27.07 -9.92
C TRP A 545 -5.24 25.92 -9.75
N VAL A 546 -5.71 25.78 -8.49
CA VAL A 546 -6.67 24.74 -8.13
C VAL A 546 -7.68 25.43 -7.21
N ARG A 547 -8.95 25.46 -7.63
CA ARG A 547 -10.01 26.16 -6.95
C ARG A 547 -11.07 25.21 -6.42
N THR A 548 -11.48 25.43 -5.17
CA THR A 548 -12.59 24.70 -4.56
C THR A 548 -13.61 25.73 -4.16
N VAL A 549 -14.87 25.49 -4.55
CA VAL A 549 -15.99 26.33 -4.14
C VAL A 549 -17.09 25.45 -3.57
N THR A 550 -17.46 25.74 -2.32
CA THR A 550 -18.59 25.03 -1.71
C THR A 550 -19.46 26.03 -1.02
N GLY A 551 -20.50 25.54 -0.36
CA GLY A 551 -21.31 26.44 0.46
C GLY A 551 -20.57 27.15 1.58
N ALA A 552 -19.44 26.59 1.98
CA ALA A 552 -18.64 27.14 3.07
C ALA A 552 -17.70 28.27 2.61
N GLY A 553 -17.51 28.44 1.30
CA GLY A 553 -16.62 29.45 0.76
C GLY A 553 -15.77 28.93 -0.37
N GLU A 554 -14.62 29.57 -0.54
N GLU A 554 -14.65 29.59 -0.61
CA GLU A 554 -13.76 29.36 -1.72
CA GLU A 554 -13.79 29.24 -1.74
C GLU A 554 -12.32 29.26 -1.26
C GLU A 554 -12.32 29.32 -1.36
N ARG A 555 -11.56 28.35 -1.86
CA ARG A 555 -10.13 28.29 -1.66
C ARG A 555 -9.44 28.21 -3.01
N VAL A 556 -8.26 28.80 -3.12
CA VAL A 556 -7.47 28.63 -4.35
C VAL A 556 -6.05 28.35 -3.91
N LEU A 557 -5.48 27.28 -4.46
CA LEU A 557 -4.05 27.00 -4.34
C LEU A 557 -3.40 27.44 -5.63
N LEU A 558 -2.36 28.27 -5.51
N LEU A 558 -2.38 28.28 -5.49
CA LEU A 558 -1.56 28.63 -6.65
CA LEU A 558 -1.54 28.69 -6.60
C LEU A 558 -0.14 28.14 -6.42
C LEU A 558 -0.17 28.03 -6.38
N TRP A 559 0.44 27.52 -7.44
CA TRP A 559 1.74 26.94 -7.37
C TRP A 559 2.57 27.42 -8.53
N ASN A 560 3.63 28.17 -8.22
CA ASN A 560 4.55 28.67 -9.26
C ASN A 560 5.59 27.62 -9.59
N LEU A 561 5.42 27.00 -10.73
N LEU A 561 5.42 26.93 -10.71
CA LEU A 561 6.33 25.96 -11.17
CA LEU A 561 6.43 25.94 -11.13
C LEU A 561 7.50 26.49 -12.02
C LEU A 561 7.66 26.52 -11.82
N GLY A 562 7.58 27.81 -12.20
CA GLY A 562 8.72 28.46 -12.89
C GLY A 562 9.90 28.72 -11.97
N GLN A 563 10.96 29.28 -12.59
CA GLN A 563 12.20 29.62 -11.91
C GLN A 563 12.30 31.12 -11.62
N ASP A 564 11.22 31.85 -11.90
CA ASP A 564 11.12 33.29 -11.67
C ASP A 564 10.13 33.53 -10.48
N THR A 565 9.88 34.79 -10.17
CA THR A 565 8.92 35.17 -9.11
C THR A 565 7.65 35.64 -9.80
N ARG A 566 6.52 35.23 -9.25
CA ARG A 566 5.20 35.64 -9.78
C ARG A 566 4.35 36.16 -8.64
N ALA A 567 3.84 37.38 -8.84
CA ALA A 567 2.90 37.97 -7.91
C ALA A 567 1.51 37.40 -8.13
N VAL A 568 0.81 37.05 -7.06
CA VAL A 568 -0.55 36.52 -7.21
C VAL A 568 -1.46 37.49 -7.94
N ALA A 569 -1.30 38.78 -7.70
CA ALA A 569 -2.12 39.80 -8.37
C ALA A 569 -2.03 39.82 -9.90
N GLU A 570 -0.95 39.31 -10.43
CA GLU A 570 -0.74 39.30 -11.86
C GLU A 570 -1.05 37.96 -12.52
N VAL A 571 -1.49 36.98 -11.76
CA VAL A 571 -1.86 35.70 -12.35
C VAL A 571 -3.22 35.92 -12.99
N LYS A 572 -3.34 35.56 -14.24
CA LYS A 572 -4.58 35.74 -14.96
C LYS A 572 -5.50 34.56 -14.63
N LEU A 573 -6.67 34.85 -14.07
CA LEU A 573 -7.62 33.83 -13.65
C LEU A 573 -8.99 34.16 -14.20
N PRO A 574 -9.78 33.15 -14.47
CA PRO A 574 -11.15 33.39 -14.95
C PRO A 574 -12.16 33.67 -13.86
N PHE A 575 -11.74 34.06 -12.66
CA PHE A 575 -12.56 34.40 -11.54
C PHE A 575 -11.74 35.38 -10.71
N THR A 576 -12.36 35.98 -9.72
CA THR A 576 -11.70 36.90 -8.80
C THR A 576 -10.93 36.13 -7.78
N VAL A 577 -9.65 36.40 -7.67
CA VAL A 577 -8.84 35.66 -6.68
C VAL A 577 -9.27 36.06 -5.23
N PRO A 578 -9.41 35.09 -4.35
CA PRO A 578 -9.63 35.36 -2.93
C PRO A 578 -8.47 36.15 -2.33
N ARG A 579 -8.79 36.94 -1.29
CA ARG A 579 -7.85 37.94 -0.76
C ARG A 579 -6.98 37.50 0.43
N ARG A 580 -7.47 36.52 1.17
CA ARG A 580 -6.90 36.21 2.41
C ARG A 580 -5.91 35.08 2.33
N LEU A 581 -4.65 35.33 2.72
N LEU A 581 -4.83 35.27 3.07
CA LEU A 581 -3.60 34.30 2.72
CA LEU A 581 -3.80 34.28 3.13
C LEU A 581 -3.76 33.32 3.92
C LEU A 581 -4.18 33.24 4.11
N LEU A 582 -4.09 32.03 3.65
CA LEU A 582 -4.22 30.96 4.61
C LEU A 582 -2.91 30.27 4.90
N LEU A 583 -2.11 29.96 3.90
N LEU A 583 -2.14 29.98 3.85
CA LEU A 583 -0.81 29.31 4.12
CA LEU A 583 -0.87 29.30 3.99
C LEU A 583 0.06 29.49 2.91
C LEU A 583 0.03 29.74 2.85
N HIS A 584 1.29 29.95 3.17
CA HIS A 584 2.30 30.13 2.13
C HIS A 584 3.38 29.09 2.41
N THR A 585 3.79 28.32 1.43
CA THR A 585 4.76 27.26 1.70
C THR A 585 6.10 27.71 2.19
N GLU A 586 6.47 28.96 1.99
CA GLU A 586 7.70 29.52 2.58
C GLU A 586 7.42 30.56 3.60
N GLY A 587 6.19 30.61 4.08
CA GLY A 587 5.91 31.45 5.23
C GLY A 587 5.93 32.94 4.95
N ARG A 588 5.84 33.33 3.69
CA ARG A 588 5.89 34.73 3.35
C ARG A 588 4.63 35.44 3.76
N GLU A 589 4.76 36.73 4.00
CA GLU A 589 3.66 37.58 4.42
C GLU A 589 2.84 38.13 3.27
N ASP A 590 3.45 38.32 2.10
CA ASP A 590 2.82 38.92 0.96
C ASP A 590 2.45 37.82 -0.07
N LEU A 591 1.54 38.15 -0.96
CA LEU A 591 1.01 37.22 -1.93
C LEU A 591 1.91 37.21 -3.15
N THR A 592 3.10 36.62 -2.96
N THR A 592 3.13 36.67 -2.95
CA THR A 592 4.04 36.53 -4.06
CA THR A 592 4.09 36.55 -4.03
C THR A 592 4.68 35.16 -3.96
C THR A 592 4.70 35.17 -3.96
N LEU A 593 4.93 34.58 -5.12
CA LEU A 593 5.43 33.25 -5.20
C LEU A 593 6.79 33.25 -5.81
N GLY A 594 7.81 32.97 -4.97
CA GLY A 594 9.11 32.68 -5.52
C GLY A 594 9.06 31.38 -6.28
N ALA A 595 10.15 31.10 -6.98
CA ALA A 595 10.29 29.92 -7.78
C ALA A 595 9.91 28.68 -6.95
N GLY A 596 8.96 27.89 -7.45
CA GLY A 596 8.55 26.65 -6.86
C GLY A 596 7.57 26.74 -5.70
N GLU A 597 7.19 27.95 -5.30
CA GLU A 597 6.42 28.15 -4.10
C GLU A 597 4.91 28.11 -4.37
N ALA A 598 4.14 27.81 -3.32
CA ALA A 598 2.70 27.76 -3.40
C ALA A 598 2.05 28.56 -2.30
N VAL A 599 0.81 28.97 -2.55
CA VAL A 599 0.03 29.63 -1.53
C VAL A 599 -1.43 29.20 -1.64
N LEU A 600 -2.07 29.10 -0.48
CA LEU A 600 -3.51 28.84 -0.38
C LEU A 600 -4.16 30.11 0.10
N VAL A 601 -5.13 30.56 -0.66
CA VAL A 601 -5.88 31.76 -0.31
C VAL A 601 -7.38 31.43 -0.21
N GLY A 602 -8.08 32.32 0.49
CA GLY A 602 -9.52 32.16 0.74
C GLY A 602 -10.26 33.42 1.03
#